data_1H32
#
_entry.id   1H32
#
_cell.length_a   65.795
_cell.length_b   87.186
_cell.length_c   71.459
_cell.angle_alpha   90.00
_cell.angle_beta   90.00
_cell.angle_gamma   90.00
#
_symmetry.space_group_name_H-M   'P 21 21 2'
#
loop_
_entity.id
_entity.type
_entity.pdbx_description
1 polymer 'DIHEME CYTOCHROME C'
2 polymer 'CYTOCHROME C'
3 non-polymer 1,2-ETHANEDIOL
4 non-polymer 'HEME C'
5 water water
#
loop_
_entity_poly.entity_id
_entity_poly.type
_entity_poly.pdbx_seq_one_letter_code
_entity_poly.pdbx_strand_id
1 'polypeptide(L)'
;GPDDPLVINGEIEIVTRAPTPAHLADRFDEIRSGWTFRTDDTQALEMDDFENSGMVFVEEARAVWDRPEGTEGKACADCH
GAVDDGMYGLRAVYPKYVESAGKVRTVEQMINACRTSRMGAPEWDYIGPDMTAMVALIASVSRGMPVSVAIDGPAQSTWE
KGREIYYTRYGQLDLSCASCHEQYFDHYIRADHLSQGQINGFPSYRLKNARLNAVHDRFRG(CSS)IRDTRGVPFAVGSP
EFVALELYVASRGNGLSVEGPSVRN
;
A
2 'polypeptide(L)'
;AEVAPGDVAIDGQGHVARPLTDAPGDPVEGRRLMTDRSVGNCIACHEVTEMADAQFPGTVGPSLDGVAARYPEAMIRGIL
VNSKNVFPETVMPAYYRVEGFNRPGIAFTSKPIEGEIRPLMTAGQIEDVVAYLMTLTQ
;
B
#
loop_
_chem_comp.id
_chem_comp.type
_chem_comp.name
_chem_comp.formula
EDO non-polymer 1,2-ETHANEDIOL 'C2 H6 O2'
HEC non-polymer 'HEME C' 'C34 H34 Fe N4 O4'
#
# COMPACT_ATOMS: atom_id res chain seq x y z
N GLY A 1 -5.99 20.37 7.04
CA GLY A 1 -5.51 19.70 8.27
C GLY A 1 -6.22 18.38 8.49
N PRO A 2 -5.72 17.52 9.39
CA PRO A 2 -6.34 16.22 9.64
C PRO A 2 -7.76 16.19 10.14
N ASP A 3 -8.15 17.21 10.88
CA ASP A 3 -9.48 17.21 11.46
C ASP A 3 -10.40 18.21 10.80
N ASP A 4 -10.01 18.74 9.63
CA ASP A 4 -10.84 19.67 8.90
C ASP A 4 -11.88 18.94 8.07
N PRO A 5 -13.04 19.58 7.82
CA PRO A 5 -14.09 18.94 7.04
C PRO A 5 -13.78 18.91 5.56
N LEU A 6 -14.12 17.80 4.91
CA LEU A 6 -14.08 17.72 3.45
C LEU A 6 -15.49 17.85 2.89
N VAL A 7 -15.71 18.90 2.11
CA VAL A 7 -16.93 19.02 1.34
C VAL A 7 -16.48 19.13 -0.11
N ILE A 8 -17.22 18.48 -1.01
CA ILE A 8 -16.92 18.53 -2.43
C ILE A 8 -17.98 19.31 -3.21
N ASN A 9 -17.50 20.22 -4.03
CA ASN A 9 -18.31 21.11 -4.85
C ASN A 9 -19.25 21.98 -4.06
N GLY A 10 -19.03 22.12 -2.75
CA GLY A 10 -19.96 22.89 -1.98
C GLY A 10 -21.23 22.12 -1.69
N GLU A 11 -21.29 20.83 -2.06
CA GLU A 11 -22.57 20.08 -2.07
C GLU A 11 -22.51 18.76 -1.28
N ILE A 12 -21.35 18.09 -1.29
CA ILE A 12 -21.27 16.67 -0.90
C ILE A 12 -20.44 16.58 0.37
N GLU A 13 -21.07 16.16 1.45
CA GLU A 13 -20.37 15.98 2.72
C GLU A 13 -19.63 14.65 2.66
N ILE A 14 -18.33 14.69 2.97
CA ILE A 14 -17.58 13.44 3.05
C ILE A 14 -17.24 13.16 4.51
N VAL A 15 -17.63 11.99 5.00
CA VAL A 15 -17.17 11.53 6.30
C VAL A 15 -15.73 11.04 6.12
N THR A 16 -14.80 11.74 6.76
CA THR A 16 -13.38 11.42 6.66
C THR A 16 -12.82 10.82 7.95
N ARG A 17 -13.60 10.85 9.04
CA ARG A 17 -13.21 10.20 10.29
C ARG A 17 -14.45 9.48 10.82
N ALA A 18 -14.28 8.24 11.25
CA ALA A 18 -15.44 7.47 11.71
C ALA A 18 -15.04 6.49 12.79
N PRO A 19 -16.02 6.03 13.57
CA PRO A 19 -15.67 5.08 14.61
C PRO A 19 -15.12 3.80 13.95
N THR A 20 -14.18 3.16 14.63
CA THR A 20 -13.54 1.98 14.06
C THR A 20 -14.53 0.83 13.94
N PRO A 21 -14.56 0.17 12.78
CA PRO A 21 -15.47 -0.96 12.62
C PRO A 21 -15.22 -1.98 13.74
N ALA A 22 -16.29 -2.66 14.15
CA ALA A 22 -16.16 -3.57 15.27
C ALA A 22 -15.06 -4.61 15.05
N HIS A 23 -14.90 -5.11 13.83
CA HIS A 23 -13.88 -6.12 13.59
C HIS A 23 -12.43 -5.62 13.77
N LEU A 24 -12.23 -4.30 13.79
CA LEU A 24 -10.92 -3.67 13.82
C LEU A 24 -10.71 -2.82 15.09
N ALA A 25 -11.70 -2.83 15.99
CA ALA A 25 -11.69 -1.90 17.10
C ALA A 25 -10.47 -2.01 17.99
N ASP A 26 -9.90 -3.20 18.11
CA ASP A 26 -8.66 -3.37 18.89
C ASP A 26 -7.49 -2.55 18.39
N ARG A 27 -7.54 -2.09 17.14
CA ARG A 27 -6.32 -1.62 16.48
C ARG A 27 -6.26 -0.11 16.25
N PHE A 28 -7.41 0.54 16.16
CA PHE A 28 -7.44 1.99 15.89
C PHE A 28 -8.49 2.67 16.79
N ASP A 29 -8.18 3.87 17.28
CA ASP A 29 -9.18 4.65 18.00
C ASP A 29 -10.30 5.17 17.10
N GLU A 30 -9.98 5.35 15.82
CA GLU A 30 -10.96 5.75 14.82
C GLU A 30 -10.32 5.44 13.48
N ILE A 31 -11.17 5.31 12.47
CA ILE A 31 -10.66 5.19 11.11
C ILE A 31 -10.74 6.51 10.36
N ARG A 32 -9.82 6.69 9.42
CA ARG A 32 -9.59 8.00 8.78
C ARG A 32 -9.36 7.83 7.29
N SER A 33 -9.91 8.76 6.51
CA SER A 33 -9.59 8.82 5.09
C SER A 33 -8.14 9.17 4.85
N GLY A 34 -7.59 8.65 3.76
CA GLY A 34 -6.26 9.10 3.36
C GLY A 34 -6.16 10.61 3.14
N TRP A 35 -7.29 11.24 2.85
CA TRP A 35 -7.34 12.69 2.67
C TRP A 35 -6.85 13.39 3.93
N THR A 36 -7.12 12.80 5.08
CA THR A 36 -6.79 13.47 6.34
C THR A 36 -5.29 13.47 6.62
N PHE A 37 -4.50 12.77 5.80
CA PHE A 37 -3.04 12.72 6.00
C PHE A 37 -2.30 13.60 4.98
N ARG A 38 -3.04 14.28 4.14
CA ARG A 38 -2.44 15.07 3.08
C ARG A 38 -2.23 16.52 3.54
N THR A 39 -1.30 17.21 2.90
CA THR A 39 -1.12 18.63 3.14
C THR A 39 -2.32 19.45 2.68
N ASP A 40 -2.45 20.67 3.19
CA ASP A 40 -3.61 21.50 2.90
C ASP A 40 -3.75 21.73 1.39
N ASP A 41 -2.63 21.93 0.72
CA ASP A 41 -2.67 22.22 -0.71
C ASP A 41 -3.27 21.06 -1.50
N THR A 42 -2.87 19.84 -1.16
CA THR A 42 -3.39 18.68 -1.84
C THR A 42 -4.82 18.41 -1.44
N GLN A 43 -5.14 18.62 -0.16
CA GLN A 43 -6.53 18.45 0.27
C GLN A 43 -7.48 19.31 -0.50
N ALA A 44 -7.05 20.54 -0.86
CA ALA A 44 -7.94 21.46 -1.54
C ALA A 44 -8.30 20.95 -2.93
N LEU A 45 -7.42 20.17 -3.55
CA LEU A 45 -7.67 19.71 -4.92
C LEU A 45 -8.87 18.79 -5.04
N GLU A 46 -9.22 18.11 -3.95
CA GLU A 46 -10.38 17.21 -3.94
C GLU A 46 -11.70 17.95 -3.63
N MET A 47 -11.62 19.21 -3.19
CA MET A 47 -12.81 19.93 -2.76
C MET A 47 -13.66 20.48 -3.88
N ASP A 48 -13.14 20.50 -5.10
CA ASP A 48 -13.87 21.05 -6.26
C ASP A 48 -13.49 20.19 -7.46
N ASP A 49 -14.50 19.58 -8.10
CA ASP A 49 -14.22 18.74 -9.27
C ASP A 49 -13.47 19.49 -10.37
N PHE A 50 -13.63 20.81 -10.41
CA PHE A 50 -12.87 21.61 -11.39
C PHE A 50 -11.36 21.57 -11.15
N GLU A 51 -10.94 21.28 -9.92
CA GLU A 51 -9.52 21.25 -9.54
C GLU A 51 -8.99 19.83 -9.46
N ASN A 52 -9.89 18.85 -9.59
CA ASN A 52 -9.54 17.44 -9.39
C ASN A 52 -9.27 16.86 -10.78
N SER A 53 -8.00 16.68 -11.11
CA SER A 53 -7.69 16.20 -12.46
C SER A 53 -8.26 14.79 -12.73
N GLY A 54 -8.56 14.03 -11.69
CA GLY A 54 -9.20 12.75 -11.85
C GLY A 54 -10.57 12.87 -12.52
N MET A 55 -11.23 14.00 -12.32
CA MET A 55 -12.59 14.14 -12.85
C MET A 55 -12.60 14.37 -14.37
N VAL A 56 -11.45 14.71 -14.95
CA VAL A 56 -11.39 14.80 -16.42
C VAL A 56 -11.64 13.42 -17.01
N PHE A 57 -11.01 12.39 -16.43
CA PHE A 57 -11.24 11.03 -16.91
C PHE A 57 -12.69 10.57 -16.66
N VAL A 58 -13.24 10.96 -15.52
CA VAL A 58 -14.65 10.70 -15.24
C VAL A 58 -15.56 11.31 -16.29
N GLU A 59 -15.28 12.53 -16.72
CA GLU A 59 -16.14 13.16 -17.72
C GLU A 59 -16.00 12.38 -19.03
N GLU A 60 -14.82 11.85 -19.32
CA GLU A 60 -14.66 11.05 -20.53
C GLU A 60 -15.48 9.77 -20.42
N ALA A 61 -15.42 9.12 -19.26
CA ALA A 61 -16.22 7.92 -19.06
C ALA A 61 -17.73 8.18 -19.12
N ARG A 62 -18.17 9.38 -18.73
CA ARG A 62 -19.58 9.76 -18.84
C ARG A 62 -20.01 9.69 -20.32
N ALA A 63 -19.10 10.08 -21.22
CA ALA A 63 -19.42 9.97 -22.64
C ALA A 63 -19.39 8.51 -23.09
N VAL A 64 -18.39 7.75 -22.63
CA VAL A 64 -18.31 6.34 -22.95
C VAL A 64 -19.59 5.60 -22.53
N TRP A 65 -20.15 6.00 -21.41
CA TRP A 65 -21.35 5.38 -20.87
C TRP A 65 -22.49 5.39 -21.89
N ASP A 66 -22.55 6.45 -22.70
CA ASP A 66 -23.62 6.64 -23.68
C ASP A 66 -23.24 6.14 -25.09
N ARG A 67 -22.03 5.61 -25.25
CA ARG A 67 -21.52 5.27 -26.58
C ARG A 67 -21.70 3.79 -26.90
N PRO A 68 -22.41 3.47 -27.99
CA PRO A 68 -22.56 2.05 -28.29
C PRO A 68 -21.20 1.45 -28.65
N GLU A 69 -20.91 0.28 -28.11
CA GLU A 69 -19.66 -0.42 -28.38
C GLU A 69 -19.94 -1.90 -28.44
N GLY A 70 -19.35 -2.58 -29.42
CA GLY A 70 -19.46 -4.03 -29.44
C GLY A 70 -20.45 -4.48 -30.50
N THR A 71 -20.55 -5.78 -30.71
CA THR A 71 -21.32 -6.28 -31.84
C THR A 71 -22.83 -6.07 -31.64
N GLU A 72 -23.25 -5.86 -30.39
CA GLU A 72 -24.68 -5.76 -30.10
C GLU A 72 -25.22 -4.34 -30.25
N GLY A 73 -24.32 -3.41 -30.54
CA GLY A 73 -24.74 -2.04 -30.81
C GLY A 73 -25.33 -1.31 -29.62
N LYS A 74 -24.98 -1.73 -28.41
CA LYS A 74 -25.54 -1.11 -27.21
C LYS A 74 -24.51 -0.34 -26.39
N ALA A 75 -25.00 0.66 -25.65
CA ALA A 75 -24.19 1.39 -24.67
C ALA A 75 -24.64 1.01 -23.24
N CYS A 76 -23.79 1.25 -22.25
CA CYS A 76 -24.18 0.93 -20.89
C CYS A 76 -25.55 1.51 -20.59
N ALA A 77 -25.74 2.76 -21.02
CA ALA A 77 -26.96 3.49 -20.74
C ALA A 77 -28.21 2.80 -21.26
N ASP A 78 -28.07 2.00 -22.32
CA ASP A 78 -29.23 1.35 -22.91
C ASP A 78 -29.85 0.33 -21.98
N CYS A 79 -29.07 -0.19 -21.05
CA CYS A 79 -29.58 -1.14 -20.06
C CYS A 79 -29.65 -0.55 -18.65
N HIS A 80 -28.73 0.33 -18.32
CA HIS A 80 -28.65 0.83 -16.95
C HIS A 80 -29.24 2.22 -16.75
N GLY A 81 -29.62 2.89 -17.84
CA GLY A 81 -30.17 4.23 -17.72
C GLY A 81 -29.05 5.23 -17.46
N ALA A 82 -29.44 6.41 -16.98
CA ALA A 82 -28.47 7.46 -16.64
C ALA A 82 -27.53 6.94 -15.56
N VAL A 83 -26.24 7.18 -15.70
CA VAL A 83 -25.30 6.58 -14.77
C VAL A 83 -25.54 7.04 -13.32
N ASP A 84 -25.99 8.27 -13.17
CA ASP A 84 -26.24 8.80 -11.84
C ASP A 84 -27.34 8.06 -11.10
N ASP A 85 -28.25 7.42 -11.84
CA ASP A 85 -29.29 6.61 -11.21
C ASP A 85 -28.92 5.12 -11.18
N GLY A 86 -28.48 4.62 -12.33
CA GLY A 86 -28.28 3.19 -12.48
C GLY A 86 -27.12 2.62 -11.71
N MET A 87 -26.16 3.48 -11.38
CA MET A 87 -25.00 3.03 -10.62
C MET A 87 -25.03 3.57 -9.20
N TYR A 88 -26.12 4.24 -8.84
CA TYR A 88 -26.19 4.89 -7.53
C TYR A 88 -26.03 3.87 -6.40
N GLY A 89 -25.11 4.14 -5.47
CA GLY A 89 -24.95 3.26 -4.35
C GLY A 89 -24.01 2.09 -4.56
N LEU A 90 -23.68 1.78 -5.81
CA LEU A 90 -23.01 0.52 -6.06
C LEU A 90 -21.61 0.48 -5.48
N ARG A 91 -20.86 1.57 -5.66
CA ARG A 91 -19.49 1.59 -5.14
C ARG A 91 -19.42 1.28 -3.64
N ALA A 92 -20.45 1.67 -2.90
CA ALA A 92 -20.40 1.52 -1.46
C ALA A 92 -20.53 0.10 -0.98
N VAL A 93 -21.02 -0.79 -1.84
CA VAL A 93 -21.29 -2.15 -1.36
C VAL A 93 -20.49 -3.24 -2.06
N TYR A 94 -19.67 -2.85 -3.03
CA TYR A 94 -18.71 -3.82 -3.61
C TYR A 94 -17.35 -3.69 -2.98
N PRO A 95 -16.55 -4.78 -2.94
CA PRO A 95 -16.88 -6.13 -3.44
C PRO A 95 -18.01 -6.79 -2.65
N LYS A 96 -18.84 -7.57 -3.34
CA LYS A 96 -19.95 -8.28 -2.69
C LYS A 96 -20.18 -9.62 -3.34
N TYR A 97 -20.85 -10.47 -2.59
CA TYR A 97 -21.37 -11.74 -3.13
C TYR A 97 -22.35 -11.46 -4.24
N VAL A 98 -22.17 -12.11 -5.39
CA VAL A 98 -23.07 -11.88 -6.53
C VAL A 98 -23.80 -13.18 -6.85
N GLU A 99 -25.12 -13.09 -6.86
CA GLU A 99 -25.96 -14.27 -6.93
C GLU A 99 -25.60 -15.13 -8.12
N SER A 100 -25.46 -14.49 -9.29
CA SER A 100 -25.18 -15.26 -10.49
C SER A 100 -23.82 -15.99 -10.51
N ALA A 101 -22.89 -15.58 -9.65
CA ALA A 101 -21.55 -16.11 -9.66
C ALA A 101 -21.22 -17.08 -8.52
N GLY A 102 -22.06 -17.05 -7.47
CA GLY A 102 -21.75 -17.83 -6.27
C GLY A 102 -20.41 -17.49 -5.64
N LYS A 103 -19.97 -16.24 -5.85
CA LYS A 103 -18.66 -15.77 -5.41
C LYS A 103 -18.76 -14.28 -5.09
N VAL A 104 -17.81 -13.78 -4.30
CA VAL A 104 -17.61 -12.35 -4.20
C VAL A 104 -16.96 -11.83 -5.49
N ARG A 105 -17.55 -10.77 -6.03
CA ARG A 105 -17.06 -10.14 -7.24
C ARG A 105 -16.70 -8.67 -6.99
N THR A 106 -15.84 -8.13 -7.84
CA THR A 106 -15.51 -6.71 -7.82
C THR A 106 -16.27 -5.95 -8.90
N VAL A 107 -16.31 -4.63 -8.82
CA VAL A 107 -16.99 -3.84 -9.83
C VAL A 107 -16.39 -4.11 -11.21
N GLU A 108 -15.06 -4.22 -11.24
CA GLU A 108 -14.36 -4.43 -12.50
C GLU A 108 -14.80 -5.75 -13.14
N GLN A 109 -14.96 -6.78 -12.33
CA GLN A 109 -15.40 -8.05 -12.90
C GLN A 109 -16.82 -7.92 -13.47
N MET A 110 -17.69 -7.20 -12.78
CA MET A 110 -19.03 -7.00 -13.29
C MET A 110 -19.01 -6.26 -14.63
N ILE A 111 -18.26 -5.16 -14.70
CA ILE A 111 -18.18 -4.41 -15.95
C ILE A 111 -17.74 -5.30 -17.10
N ASN A 112 -16.67 -6.06 -16.90
CA ASN A 112 -16.23 -6.89 -18.02
C ASN A 112 -17.22 -7.99 -18.38
N ALA A 113 -18.02 -8.47 -17.43
CA ALA A 113 -19.05 -9.43 -17.77
C ALA A 113 -20.11 -8.81 -18.70
N CYS A 114 -20.48 -7.57 -18.48
CA CYS A 114 -21.40 -6.94 -19.39
C CYS A 114 -20.77 -6.64 -20.74
N ARG A 115 -19.53 -6.18 -20.73
CA ARG A 115 -18.85 -5.90 -21.98
C ARG A 115 -18.85 -7.12 -22.87
N THR A 116 -18.54 -8.29 -22.32
CA THR A 116 -18.34 -9.43 -23.19
C THR A 116 -19.67 -10.11 -23.47
N SER A 117 -20.42 -10.40 -22.43
CA SER A 117 -21.60 -11.23 -22.60
C SER A 117 -22.84 -10.48 -23.04
N ARG A 118 -22.85 -9.16 -22.87
CA ARG A 118 -24.04 -8.40 -23.20
C ARG A 118 -23.81 -7.39 -24.30
N MET A 119 -22.56 -6.97 -24.46
CA MET A 119 -22.25 -5.98 -25.48
C MET A 119 -21.57 -6.52 -26.73
N GLY A 120 -20.95 -7.69 -26.60
CA GLY A 120 -20.10 -8.13 -27.69
C GLY A 120 -18.91 -7.24 -27.94
N ALA A 121 -18.36 -6.69 -26.85
CA ALA A 121 -17.24 -5.78 -26.94
C ALA A 121 -16.01 -6.38 -26.23
N PRO A 122 -14.83 -5.85 -26.52
CA PRO A 122 -13.60 -6.35 -25.90
C PRO A 122 -13.64 -6.07 -24.38
N GLU A 123 -13.14 -7.01 -23.58
CA GLU A 123 -12.91 -6.72 -22.17
C GLU A 123 -11.96 -5.54 -22.08
N TRP A 124 -12.16 -4.70 -21.07
CA TRP A 124 -11.12 -3.74 -20.67
C TRP A 124 -10.07 -4.35 -19.76
N ASP A 125 -8.81 -4.03 -20.01
CA ASP A 125 -7.77 -4.47 -19.10
C ASP A 125 -8.12 -4.03 -17.67
N TYR A 126 -7.97 -4.96 -16.76
CA TYR A 126 -8.50 -4.81 -15.39
C TYR A 126 -8.04 -3.52 -14.71
N ILE A 127 -6.74 -3.19 -14.82
CA ILE A 127 -6.23 -1.95 -14.20
C ILE A 127 -5.85 -0.89 -15.22
N GLY A 128 -6.29 -1.08 -16.47
CA GLY A 128 -6.02 -0.11 -17.52
C GLY A 128 -6.80 1.17 -17.38
N PRO A 129 -6.52 2.16 -18.23
CA PRO A 129 -7.22 3.43 -18.14
C PRO A 129 -8.69 3.44 -18.45
N ASP A 130 -9.13 2.59 -19.36
CA ASP A 130 -10.54 2.58 -19.72
C ASP A 130 -11.37 2.05 -18.58
N MET A 131 -10.93 0.95 -18.00
CA MET A 131 -11.64 0.39 -16.85
C MET A 131 -11.58 1.35 -15.68
N THR A 132 -10.41 1.92 -15.43
CA THR A 132 -10.26 2.70 -14.20
C THR A 132 -11.09 3.99 -14.31
N ALA A 133 -11.23 4.56 -15.49
CA ALA A 133 -12.08 5.75 -15.65
C ALA A 133 -13.54 5.37 -15.40
N MET A 134 -13.97 4.21 -15.89
CA MET A 134 -15.37 3.83 -15.67
C MET A 134 -15.64 3.53 -14.18
N VAL A 135 -14.70 2.87 -13.49
CA VAL A 135 -14.87 2.61 -12.07
C VAL A 135 -14.88 3.94 -11.31
N ALA A 136 -14.08 4.91 -11.77
CA ALA A 136 -14.11 6.24 -11.14
C ALA A 136 -15.43 6.95 -11.36
N LEU A 137 -16.02 6.83 -12.54
CA LEU A 137 -17.34 7.42 -12.76
C LEU A 137 -18.35 6.75 -11.83
N ILE A 138 -18.33 5.44 -11.73
CA ILE A 138 -19.23 4.73 -10.83
C ILE A 138 -19.03 5.21 -9.37
N ALA A 139 -17.78 5.35 -8.95
CA ALA A 139 -17.55 5.82 -7.59
C ALA A 139 -18.11 7.25 -7.43
N SER A 140 -17.90 8.08 -8.44
CA SER A 140 -18.18 9.50 -8.28
C SER A 140 -19.66 9.76 -8.02
N VAL A 141 -20.53 8.91 -8.57
CA VAL A 141 -21.96 9.18 -8.41
C VAL A 141 -22.52 8.69 -7.06
N SER A 142 -21.68 8.04 -6.26
CA SER A 142 -22.05 7.66 -4.88
C SER A 142 -21.23 8.40 -3.81
N ARG A 143 -20.53 9.46 -4.19
CA ARG A 143 -19.72 10.18 -3.20
C ARG A 143 -20.57 10.68 -2.03
N GLY A 144 -20.03 10.52 -0.83
CA GLY A 144 -20.76 10.91 0.37
C GLY A 144 -21.56 9.78 1.02
N MET A 145 -21.78 8.69 0.29
CA MET A 145 -22.47 7.53 0.85
C MET A 145 -21.50 6.68 1.66
N PRO A 146 -21.93 6.16 2.82
CA PRO A 146 -21.04 5.34 3.62
C PRO A 146 -20.63 4.02 2.95
N VAL A 147 -19.33 3.70 3.00
CA VAL A 147 -18.89 2.39 2.55
C VAL A 147 -19.51 1.40 3.50
N SER A 148 -20.07 0.35 2.94
CA SER A 148 -20.90 -0.59 3.68
C SER A 148 -20.74 -1.96 3.06
N VAL A 149 -19.52 -2.50 3.09
CA VAL A 149 -19.32 -3.83 2.54
C VAL A 149 -19.59 -4.89 3.61
N ALA A 150 -20.35 -5.92 3.22
CA ALA A 150 -20.67 -7.00 4.14
C ALA A 150 -19.44 -7.88 4.36
N ILE A 151 -19.24 -8.35 5.59
CA ILE A 151 -18.06 -9.14 5.92
C ILE A 151 -18.39 -10.57 6.39
N ASP A 152 -19.67 -10.90 6.47
CA ASP A 152 -20.11 -12.20 7.01
C ASP A 152 -20.98 -12.91 6.00
N GLY A 153 -21.75 -13.90 6.43
CA GLY A 153 -22.57 -14.62 5.47
C GLY A 153 -21.77 -15.24 4.35
N PRO A 154 -22.28 -15.20 3.11
CA PRO A 154 -21.53 -15.80 2.01
C PRO A 154 -20.21 -15.11 1.67
N ALA A 155 -19.96 -13.95 2.25
CA ALA A 155 -18.69 -13.25 2.03
C ALA A 155 -17.63 -13.59 3.08
N GLN A 156 -18.00 -14.32 4.13
CA GLN A 156 -17.08 -14.53 5.23
C GLN A 156 -15.73 -15.14 4.85
N SER A 157 -15.74 -16.21 4.06
CA SER A 157 -14.48 -16.91 3.81
C SER A 157 -13.54 -16.02 2.98
N THR A 158 -14.14 -15.21 2.13
CA THR A 158 -13.37 -14.29 1.30
C THR A 158 -12.78 -13.19 2.20
N TRP A 159 -13.60 -12.62 3.07
CA TRP A 159 -13.14 -11.60 4.00
C TRP A 159 -12.00 -12.14 4.88
N GLU A 160 -12.13 -13.37 5.36
CA GLU A 160 -11.08 -13.99 6.17
C GLU A 160 -9.78 -14.21 5.38
N LYS A 161 -9.88 -14.57 4.11
CA LYS A 161 -8.70 -14.75 3.29
C LYS A 161 -8.01 -13.40 3.13
N GLY A 162 -8.79 -12.36 2.88
CA GLY A 162 -8.21 -11.02 2.76
C GLY A 162 -7.54 -10.54 4.04
N ARG A 163 -8.16 -10.82 5.19
CA ARG A 163 -7.57 -10.49 6.47
C ARG A 163 -6.22 -11.19 6.64
N GLU A 164 -6.16 -12.47 6.26
CA GLU A 164 -4.92 -13.20 6.35
C GLU A 164 -3.84 -12.54 5.52
N ILE A 165 -4.17 -12.15 4.28
CA ILE A 165 -3.18 -11.51 3.42
C ILE A 165 -2.70 -10.17 4.01
N TYR A 166 -3.64 -9.41 4.57
CA TYR A 166 -3.33 -8.07 5.09
C TYR A 166 -2.24 -8.10 6.16
N TYR A 167 -2.22 -9.19 6.93
CA TYR A 167 -1.29 -9.32 8.04
C TYR A 167 -0.14 -10.28 7.76
N THR A 168 0.00 -10.73 6.53
CA THR A 168 1.11 -11.62 6.13
C THR A 168 2.30 -10.75 5.68
N ARG A 169 3.47 -10.96 6.28
CA ARG A 169 4.68 -10.31 5.78
C ARG A 169 5.09 -10.89 4.42
N TYR A 170 5.36 -10.00 3.46
CA TYR A 170 5.84 -10.41 2.17
C TYR A 170 7.19 -9.79 1.81
N GLY A 171 7.85 -10.39 0.82
CA GLY A 171 9.03 -9.83 0.17
C GLY A 171 10.30 -10.00 0.97
N GLN A 172 11.43 -9.62 0.40
CA GLN A 172 12.67 -9.71 1.14
C GLN A 172 12.74 -8.64 2.23
N LEU A 173 11.97 -7.55 2.08
CA LEU A 173 11.87 -6.59 3.17
C LEU A 173 10.94 -7.05 4.30
N ASP A 174 10.12 -8.06 4.02
CA ASP A 174 9.40 -8.83 5.04
C ASP A 174 8.41 -7.97 5.82
N LEU A 175 7.49 -7.34 5.07
CA LEU A 175 6.52 -6.42 5.65
C LEU A 175 5.11 -6.79 5.24
N SER A 176 4.17 -6.61 6.16
CA SER A 176 2.76 -6.76 5.82
C SER A 176 2.14 -5.39 5.61
N CYS A 177 0.95 -5.34 5.03
CA CYS A 177 0.21 -4.09 4.95
C CYS A 177 0.11 -3.43 6.33
N ALA A 178 -0.18 -4.24 7.35
CA ALA A 178 -0.35 -3.72 8.71
C ALA A 178 0.94 -3.17 9.29
N SER A 179 2.07 -3.71 8.85
CA SER A 179 3.38 -3.21 9.34
C SER A 179 3.45 -1.70 9.22
N CYS A 180 3.05 -1.19 8.06
CA CYS A 180 3.11 0.23 7.81
C CYS A 180 1.81 0.94 8.18
N HIS A 181 0.67 0.44 7.68
CA HIS A 181 -0.57 1.22 7.78
C HIS A 181 -1.31 1.08 9.11
N GLU A 182 -1.04 0.01 9.85
CA GLU A 182 -1.67 -0.12 11.17
C GLU A 182 -0.70 0.32 12.26
N GLN A 183 0.48 -0.31 12.28
CA GLN A 183 1.47 0.01 13.34
C GLN A 183 1.99 1.42 13.25
N TYR A 184 2.20 1.92 12.03
CA TYR A 184 2.88 3.18 11.88
C TYR A 184 2.13 4.26 11.12
N PHE A 185 0.80 4.17 11.01
CA PHE A 185 0.11 5.31 10.43
C PHE A 185 0.43 6.58 11.18
N ASP A 186 0.33 7.71 10.49
CA ASP A 186 0.70 9.01 10.98
C ASP A 186 2.19 9.25 11.13
N HIS A 187 2.98 8.21 10.94
CA HIS A 187 4.42 8.40 10.80
C HIS A 187 4.79 8.70 9.33
N TYR A 188 6.08 8.89 9.07
CA TYR A 188 6.56 9.16 7.70
C TYR A 188 7.51 8.08 7.21
N ILE A 189 7.34 7.71 5.95
CA ILE A 189 8.36 6.96 5.21
C ILE A 189 8.92 7.95 4.21
N ARG A 190 10.16 8.36 4.47
CA ARG A 190 10.77 9.47 3.77
C ARG A 190 9.79 10.66 3.84
N ALA A 191 9.44 11.26 2.71
CA ALA A 191 8.54 12.41 2.76
C ALA A 191 7.05 12.01 2.75
N ASP A 192 6.75 10.71 2.64
CA ASP A 192 5.33 10.36 2.54
C ASP A 192 4.72 10.17 3.92
N HIS A 193 3.58 10.79 4.15
CA HIS A 193 2.88 10.66 5.41
C HIS A 193 1.99 9.41 5.38
N LEU A 194 2.33 8.42 6.18
CA LEU A 194 1.59 7.15 6.19
C LEU A 194 0.17 7.35 6.68
N SER A 195 -0.77 6.90 5.87
CA SER A 195 -2.16 6.85 6.23
C SER A 195 -2.51 5.44 6.72
N GLN A 196 -3.80 5.19 6.95
CA GLN A 196 -4.24 3.85 7.26
C GLN A 196 -4.43 2.99 6.02
N GLY A 197 -4.07 3.50 4.84
CA GLY A 197 -4.09 2.67 3.64
C GLY A 197 -5.50 2.23 3.30
N GLN A 198 -6.42 3.17 3.40
CA GLN A 198 -7.82 2.92 3.09
C GLN A 198 -8.07 3.03 1.60
N ILE A 199 -9.12 2.35 1.12
CA ILE A 199 -9.48 2.41 -0.30
C ILE A 199 -10.84 3.04 -0.60
N ASN A 200 -11.40 3.79 0.36
CA ASN A 200 -12.70 4.40 0.13
C ASN A 200 -12.63 5.53 -0.90
N GLY A 201 -11.43 6.00 -1.20
CA GLY A 201 -11.25 7.04 -2.19
C GLY A 201 -10.82 6.54 -3.58
N PHE A 202 -10.85 5.24 -3.83
CA PHE A 202 -10.35 4.76 -5.13
C PHE A 202 -11.42 4.79 -6.20
N PRO A 203 -11.01 4.87 -7.45
CA PRO A 203 -9.63 4.93 -7.93
C PRO A 203 -9.04 6.28 -7.53
N SER A 204 -7.78 6.29 -7.11
CA SER A 204 -7.17 7.55 -6.71
C SER A 204 -6.45 8.24 -7.85
N TYR A 205 -6.58 9.57 -7.91
CA TYR A 205 -5.78 10.32 -8.85
C TYR A 205 -4.54 10.72 -8.09
N ARG A 206 -3.40 10.18 -8.50
CA ARG A 206 -2.15 10.44 -7.78
C ARG A 206 -1.40 11.54 -8.48
N LEU A 207 -1.01 12.54 -7.72
CA LEU A 207 -0.35 13.69 -8.30
C LEU A 207 1.01 13.25 -8.84
N LYS A 208 1.56 12.16 -8.30
CA LYS A 208 2.84 11.64 -8.72
C LYS A 208 2.85 11.16 -10.17
N ASN A 209 1.83 10.40 -10.55
CA ASN A 209 1.81 9.83 -11.89
C ASN A 209 0.68 10.37 -12.78
N ALA A 210 -0.08 11.34 -12.27
CA ALA A 210 -1.03 12.10 -13.08
C ALA A 210 -1.99 11.18 -13.82
N ARG A 211 -2.42 10.12 -13.17
CA ARG A 211 -3.45 9.25 -13.75
C ARG A 211 -4.30 8.69 -12.62
N LEU A 212 -5.41 8.07 -12.98
CA LEU A 212 -6.19 7.30 -11.99
C LEU A 212 -5.47 5.97 -11.70
N ASN A 213 -5.57 5.53 -10.45
CA ASN A 213 -4.91 4.30 -10.01
C ASN A 213 -5.93 3.32 -9.45
N ALA A 214 -6.02 2.14 -10.05
CA ALA A 214 -6.95 1.11 -9.62
C ALA A 214 -6.51 0.52 -8.27
N VAL A 215 -7.46 0.10 -7.45
CA VAL A 215 -7.15 -0.60 -6.21
C VAL A 215 -6.13 -1.73 -6.42
N HIS A 216 -6.36 -2.60 -7.40
CA HIS A 216 -5.45 -3.75 -7.52
C HIS A 216 -4.09 -3.31 -8.03
N ASP A 217 -4.02 -2.18 -8.73
CA ASP A 217 -2.75 -1.63 -9.15
C ASP A 217 -1.99 -1.14 -7.91
N ARG A 218 -2.66 -0.41 -7.02
CA ARG A 218 -2.00 -0.03 -5.78
C ARG A 218 -1.52 -1.29 -5.04
N PHE A 219 -2.40 -2.27 -4.85
CA PHE A 219 -2.03 -3.49 -4.12
C PHE A 219 -0.81 -4.19 -4.71
N ARG A 220 -0.78 -4.29 -6.04
CA ARG A 220 0.33 -4.93 -6.73
C ARG A 220 1.63 -4.17 -6.40
N GLY A 221 1.59 -2.84 -6.46
CA GLY A 221 2.77 -2.04 -6.20
C GLY A 221 3.23 -2.14 -4.76
N CSS A 222 2.26 -2.28 -3.85
CA CSS A 222 2.64 -2.38 -2.44
CB CSS A 222 1.40 -2.27 -1.53
SG CSS A 222 0.46 -0.69 -1.74
SD CSS A 222 1.48 0.72 -0.69
C CSS A 222 3.38 -3.66 -2.12
O CSS A 222 4.34 -3.64 -1.37
N ILE A 223 2.92 -4.77 -2.67
CA ILE A 223 3.64 -6.02 -2.45
C ILE A 223 4.96 -6.01 -3.23
N ARG A 224 4.94 -5.49 -4.46
CA ARG A 224 6.19 -5.33 -5.20
C ARG A 224 7.20 -4.58 -4.34
N ASP A 225 6.74 -3.52 -3.66
CA ASP A 225 7.68 -2.65 -3.00
C ASP A 225 8.16 -3.15 -1.66
N THR A 226 7.71 -4.35 -1.29
CA THR A 226 8.39 -5.08 -0.21
C THR A 226 9.57 -5.90 -0.75
N ARG A 227 9.93 -5.68 -2.02
CA ARG A 227 10.82 -6.57 -2.78
C ARG A 227 10.17 -7.95 -2.81
N GLY A 228 8.95 -7.96 -3.31
CA GLY A 228 8.15 -9.16 -3.33
C GLY A 228 7.44 -9.40 -4.63
N VAL A 229 6.78 -10.57 -4.75
CA VAL A 229 6.03 -10.94 -5.94
C VAL A 229 4.54 -10.70 -5.66
N PRO A 230 3.96 -9.68 -6.30
CA PRO A 230 2.53 -9.46 -6.05
C PRO A 230 1.67 -10.59 -6.60
N PHE A 231 0.45 -10.72 -6.11
CA PHE A 231 -0.56 -11.52 -6.78
C PHE A 231 -1.03 -10.83 -8.07
N ALA A 232 -1.69 -11.58 -8.94
CA ALA A 232 -2.17 -11.06 -10.20
C ALA A 232 -3.32 -10.08 -9.98
N VAL A 233 -3.42 -9.05 -10.82
CA VAL A 233 -4.62 -8.21 -10.70
C VAL A 233 -5.84 -9.05 -11.07
N GLY A 234 -6.95 -8.83 -10.36
CA GLY A 234 -8.14 -9.61 -10.58
C GLY A 234 -8.06 -11.00 -9.97
N SER A 235 -6.98 -11.34 -9.27
CA SER A 235 -6.83 -12.67 -8.69
C SER A 235 -7.74 -12.89 -7.49
N PRO A 236 -8.01 -14.14 -7.13
CA PRO A 236 -8.87 -14.39 -5.97
C PRO A 236 -8.25 -13.71 -4.75
N GLU A 237 -6.91 -13.71 -4.71
CA GLU A 237 -6.19 -13.12 -3.58
C GLU A 237 -6.43 -11.61 -3.45
N PHE A 238 -6.36 -10.89 -4.57
CA PHE A 238 -6.61 -9.46 -4.49
C PHE A 238 -8.11 -9.11 -4.42
N VAL A 239 -9.00 -9.96 -4.95
CA VAL A 239 -10.41 -9.76 -4.67
C VAL A 239 -10.66 -9.86 -3.15
N ALA A 240 -10.12 -10.89 -2.51
CA ALA A 240 -10.21 -11.06 -1.07
C ALA A 240 -9.59 -9.89 -0.30
N LEU A 241 -8.38 -9.50 -0.70
CA LEU A 241 -7.75 -8.36 -0.03
C LEU A 241 -8.56 -7.09 -0.19
N GLU A 242 -9.15 -6.89 -1.37
CA GLU A 242 -9.97 -5.70 -1.56
C GLU A 242 -11.20 -5.70 -0.67
N LEU A 243 -11.89 -6.84 -0.56
CA LEU A 243 -13.05 -6.89 0.34
C LEU A 243 -12.61 -6.54 1.75
N TYR A 244 -11.52 -7.17 2.19
CA TYR A 244 -11.07 -6.92 3.55
C TYR A 244 -10.64 -5.45 3.75
N VAL A 245 -9.83 -4.91 2.84
CA VAL A 245 -9.37 -3.54 3.08
C VAL A 245 -10.55 -2.59 2.98
N ALA A 246 -11.50 -2.87 2.08
CA ALA A 246 -12.70 -2.02 2.00
C ALA A 246 -13.41 -1.99 3.36
N SER A 247 -13.47 -3.14 4.03
CA SER A 247 -14.16 -3.24 5.31
C SER A 247 -13.41 -2.52 6.44
N ARG A 248 -12.10 -2.29 6.28
CA ARG A 248 -11.36 -1.50 7.28
C ARG A 248 -11.78 -0.04 7.23
N GLY A 249 -12.50 0.32 6.16
CA GLY A 249 -12.99 1.68 6.00
C GLY A 249 -14.51 1.80 6.04
N ASN A 250 -15.22 0.75 6.47
CA ASN A 250 -16.67 0.84 6.60
C ASN A 250 -17.10 2.01 7.48
N GLY A 251 -17.95 2.85 6.91
CA GLY A 251 -18.42 4.04 7.61
C GLY A 251 -17.80 5.31 7.08
N LEU A 252 -16.63 5.22 6.47
CA LEU A 252 -16.09 6.38 5.77
C LEU A 252 -16.90 6.54 4.48
N SER A 253 -16.99 7.77 3.97
CA SER A 253 -17.76 7.99 2.73
C SER A 253 -17.01 7.54 1.50
N VAL A 254 -17.75 7.09 0.50
CA VAL A 254 -17.19 6.96 -0.83
C VAL A 254 -16.60 8.31 -1.27
N GLU A 255 -15.36 8.31 -1.73
CA GLU A 255 -14.65 9.52 -2.11
C GLU A 255 -14.15 9.54 -3.53
N GLY A 256 -14.26 8.40 -4.23
CA GLY A 256 -13.57 8.31 -5.51
C GLY A 256 -14.15 9.14 -6.65
N PRO A 257 -13.34 9.69 -7.55
CA PRO A 257 -11.87 9.61 -7.58
C PRO A 257 -11.32 10.67 -6.60
N SER A 258 -10.46 10.22 -5.67
CA SER A 258 -9.87 11.14 -4.71
C SER A 258 -8.58 11.69 -5.28
N VAL A 259 -8.02 12.71 -4.64
CA VAL A 259 -6.71 13.20 -5.00
C VAL A 259 -5.74 12.85 -3.89
N ARG A 260 -4.64 12.21 -4.26
CA ARG A 260 -3.61 11.81 -3.31
C ARG A 260 -2.24 12.14 -3.87
N ASN A 261 -1.23 12.08 -3.01
CA ASN A 261 0.13 12.10 -3.49
C ASN A 261 0.35 10.99 -4.52
N ALA B 1 37.94 -12.74 3.56
CA ALA B 1 37.15 -13.74 4.32
C ALA B 1 35.94 -13.08 5.01
N GLU B 2 34.75 -13.56 4.66
CA GLU B 2 33.52 -13.03 5.24
C GLU B 2 32.73 -14.18 5.84
N VAL B 3 32.11 -13.94 6.99
CA VAL B 3 31.24 -14.94 7.60
C VAL B 3 29.91 -14.96 6.83
N ALA B 4 29.57 -16.11 6.27
CA ALA B 4 28.35 -16.25 5.46
C ALA B 4 27.10 -16.23 6.33
N PRO B 5 25.99 -15.74 5.78
CA PRO B 5 24.72 -15.66 6.52
C PRO B 5 24.50 -16.77 7.56
N GLY B 6 24.58 -18.03 7.14
CA GLY B 6 24.28 -19.12 8.06
C GLY B 6 25.13 -19.26 9.32
N ASP B 7 26.18 -18.45 9.47
CA ASP B 7 27.26 -18.76 10.41
C ASP B 7 27.52 -17.75 11.53
N VAL B 8 26.73 -16.69 11.60
CA VAL B 8 27.03 -15.60 12.51
C VAL B 8 26.75 -16.02 13.94
N ALA B 9 27.68 -15.74 14.83
CA ALA B 9 27.52 -16.08 16.23
C ALA B 9 26.66 -15.00 16.81
N ILE B 10 25.53 -15.40 17.39
CA ILE B 10 24.51 -14.47 17.85
C ILE B 10 24.15 -14.79 19.30
N ASP B 11 24.51 -13.91 20.24
CA ASP B 11 24.19 -14.20 21.65
C ASP B 11 22.69 -14.11 21.92
N GLY B 12 22.31 -14.20 23.19
CA GLY B 12 20.91 -14.29 23.54
C GLY B 12 20.13 -12.99 23.41
N GLN B 13 20.85 -11.86 23.39
CA GLN B 13 20.21 -10.55 23.28
C GLN B 13 20.24 -10.05 21.83
N GLY B 14 20.77 -10.87 20.93
CA GLY B 14 20.83 -10.46 19.53
C GLY B 14 22.10 -9.73 19.17
N HIS B 15 22.99 -9.54 20.14
CA HIS B 15 24.26 -8.85 19.88
C HIS B 15 25.21 -9.76 19.11
N VAL B 16 26.06 -9.17 18.28
CA VAL B 16 27.08 -9.91 17.54
C VAL B 16 28.43 -9.26 17.84
N ALA B 17 29.30 -10.00 18.52
CA ALA B 17 30.48 -9.40 19.13
C ALA B 17 31.62 -9.16 18.15
N ARG B 18 31.72 -9.99 17.11
CA ARG B 18 32.82 -9.90 16.16
C ARG B 18 32.39 -9.36 14.80
N PRO B 19 33.26 -8.61 14.12
CA PRO B 19 32.92 -8.07 12.78
C PRO B 19 32.59 -9.23 11.83
N LEU B 20 31.77 -8.93 10.83
CA LEU B 20 31.35 -9.93 9.83
C LEU B 20 32.39 -10.12 8.75
N THR B 21 33.46 -9.34 8.79
CA THR B 21 34.51 -9.51 7.80
C THR B 21 35.81 -9.00 8.39
N ASP B 22 36.93 -9.38 7.80
CA ASP B 22 38.22 -8.99 8.38
C ASP B 22 38.66 -7.68 7.76
N ALA B 23 37.95 -7.24 6.73
CA ALA B 23 38.20 -5.93 6.15
C ALA B 23 37.67 -4.85 7.08
N PRO B 24 38.43 -3.76 7.25
CA PRO B 24 37.99 -2.67 8.11
C PRO B 24 36.78 -1.97 7.47
N GLY B 25 35.84 -1.53 8.30
CA GLY B 25 34.71 -0.80 7.79
C GLY B 25 35.08 0.61 7.40
N ASP B 26 34.69 1.01 6.18
CA ASP B 26 34.86 2.37 5.68
C ASP B 26 33.59 3.17 5.98
N PRO B 27 33.63 4.05 6.97
CA PRO B 27 32.47 4.87 7.34
C PRO B 27 31.99 5.82 6.25
N VAL B 28 32.89 6.20 5.36
CA VAL B 28 32.48 7.05 4.26
C VAL B 28 31.53 6.28 3.35
N GLU B 29 31.91 5.05 2.97
CA GLU B 29 31.02 4.20 2.19
C GLU B 29 29.78 3.82 3.01
N GLY B 30 29.95 3.59 4.31
CA GLY B 30 28.80 3.32 5.17
C GLY B 30 27.73 4.40 5.02
N ARG B 31 28.18 5.65 5.04
CA ARG B 31 27.29 6.81 4.90
C ARG B 31 26.55 6.72 3.58
N ARG B 32 27.27 6.42 2.51
CA ARG B 32 26.66 6.38 1.20
C ARG B 32 25.64 5.26 1.10
N LEU B 33 25.96 4.10 1.66
CA LEU B 33 25.06 2.93 1.58
C LEU B 33 23.74 3.17 2.27
N MET B 34 23.80 3.89 3.39
CA MET B 34 22.61 4.19 4.16
C MET B 34 21.63 5.06 3.40
N THR B 35 22.16 5.93 2.53
CA THR B 35 21.29 6.87 1.82
C THR B 35 21.09 6.39 0.40
N ASP B 36 21.78 5.32 0.05
CA ASP B 36 21.54 4.67 -1.22
C ASP B 36 20.20 3.94 -1.18
N ARG B 37 19.23 4.51 -1.88
CA ARG B 37 17.90 3.93 -1.91
C ARG B 37 17.91 2.51 -2.45
N SER B 38 18.93 2.19 -3.26
CA SER B 38 19.06 0.87 -3.85
C SER B 38 19.67 -0.17 -2.90
N VAL B 39 20.31 0.26 -1.83
CA VAL B 39 20.97 -0.69 -0.93
C VAL B 39 20.40 -0.67 0.50
N GLY B 40 20.86 0.26 1.34
CA GLY B 40 20.35 0.31 2.70
C GLY B 40 18.98 0.97 2.77
N ASN B 41 18.81 2.03 1.99
CA ASN B 41 17.60 2.85 2.04
C ASN B 41 17.18 3.15 3.48
N CYS B 42 18.16 3.42 4.36
CA CYS B 42 17.85 3.51 5.79
C CYS B 42 17.09 4.77 6.12
N ILE B 43 17.27 5.79 5.29
CA ILE B 43 16.72 7.11 5.54
C ILE B 43 15.20 7.07 5.30
N ALA B 44 14.72 6.02 4.65
CA ALA B 44 13.26 5.86 4.55
C ALA B 44 12.60 5.81 5.93
N CYS B 45 13.30 5.22 6.91
CA CYS B 45 12.77 5.07 8.27
C CYS B 45 13.46 5.90 9.34
N HIS B 46 14.71 6.32 9.09
CA HIS B 46 15.56 6.93 10.13
C HIS B 46 16.11 8.30 9.79
N GLU B 47 16.02 9.20 10.76
CA GLU B 47 16.71 10.49 10.74
C GLU B 47 18.16 10.32 11.19
N VAL B 48 19.08 10.99 10.50
CA VAL B 48 20.47 11.19 10.96
C VAL B 48 20.78 12.64 10.60
N THR B 49 20.88 13.50 11.61
CA THR B 49 21.04 14.93 11.33
C THR B 49 22.45 15.25 10.83
N GLU B 50 23.40 14.37 11.13
CA GLU B 50 24.76 14.53 10.65
C GLU B 50 24.83 14.57 9.12
N MET B 51 23.85 13.95 8.47
CA MET B 51 23.94 13.63 7.05
C MET B 51 23.26 14.67 6.17
N GLN B 55 18.13 14.09 3.15
CA GLN B 55 16.96 14.95 3.31
C GLN B 55 15.69 14.12 3.51
N PHE B 56 14.72 14.71 4.19
CA PHE B 56 13.39 14.12 4.30
C PHE B 56 13.41 12.71 4.90
N PRO B 57 14.03 12.56 6.07
CA PRO B 57 14.08 11.24 6.72
C PRO B 57 12.71 10.82 7.22
N GLY B 58 12.46 9.52 7.17
CA GLY B 58 11.27 8.98 7.78
C GLY B 58 11.31 9.01 9.30
N THR B 59 10.20 8.65 9.92
CA THR B 59 10.07 8.67 11.38
C THR B 59 9.58 7.34 11.96
N VAL B 60 9.60 6.30 11.13
CA VAL B 60 9.16 4.97 11.56
C VAL B 60 10.16 4.44 12.60
N GLY B 61 11.44 4.58 12.30
CA GLY B 61 12.45 4.27 13.30
C GLY B 61 12.93 5.47 14.10
N PRO B 62 13.62 5.22 15.21
CA PRO B 62 14.09 6.36 16.00
C PRO B 62 15.23 7.07 15.28
N SER B 63 15.48 8.30 15.67
CA SER B 63 16.67 9.00 15.21
C SER B 63 17.91 8.19 15.57
N LEU B 64 18.85 8.08 14.65
CA LEU B 64 20.07 7.35 14.94
C LEU B 64 21.15 8.28 15.47
N ASP B 65 20.82 9.56 15.61
CA ASP B 65 21.71 10.49 16.31
C ASP B 65 22.02 9.86 17.66
N GLY B 66 23.29 9.72 17.98
CA GLY B 66 23.68 9.28 19.31
C GLY B 66 23.73 7.79 19.52
N VAL B 67 23.40 7.00 18.51
CA VAL B 67 23.26 5.56 18.70
C VAL B 67 24.53 4.93 19.27
N ALA B 68 25.69 5.46 18.88
CA ALA B 68 26.97 4.92 19.36
C ALA B 68 27.22 5.32 20.81
N ALA B 69 26.55 6.36 21.28
CA ALA B 69 26.67 6.75 22.69
C ALA B 69 25.78 5.91 23.60
N ARG B 70 24.73 5.31 23.05
CA ARG B 70 23.80 4.54 23.87
C ARG B 70 23.85 3.02 23.72
N TYR B 71 24.23 2.52 22.55
CA TYR B 71 24.26 1.07 22.32
C TYR B 71 25.67 0.66 22.00
N PRO B 72 26.09 -0.54 22.43
CA PRO B 72 27.44 -1.05 22.17
C PRO B 72 27.54 -1.48 20.73
N GLU B 73 28.76 -1.51 20.21
CA GLU B 73 29.00 -1.86 18.81
C GLU B 73 28.34 -3.19 18.48
N ALA B 74 28.47 -4.14 19.40
CA ALA B 74 27.94 -5.48 19.17
C ALA B 74 26.43 -5.46 19.02
N MET B 75 25.78 -4.50 19.64
CA MET B 75 24.31 -4.44 19.60
C MET B 75 23.89 -3.82 18.27
N ILE B 76 24.59 -2.76 17.88
CA ILE B 76 24.35 -2.10 16.60
C ILE B 76 24.57 -3.09 15.45
N ARG B 77 25.62 -3.90 15.53
CA ARG B 77 25.86 -4.91 14.51
C ARG B 77 24.74 -5.96 14.49
N GLY B 78 24.24 -6.30 15.67
CA GLY B 78 23.19 -7.28 15.79
C GLY B 78 21.89 -6.78 15.17
N ILE B 79 21.66 -5.49 15.32
CA ILE B 79 20.50 -4.86 14.72
C ILE B 79 20.57 -5.00 13.19
N LEU B 80 21.77 -4.94 12.63
CA LEU B 80 21.92 -5.00 11.19
C LEU B 80 21.90 -6.41 10.61
N VAL B 81 22.30 -7.40 11.40
CA VAL B 81 22.38 -8.76 10.89
C VAL B 81 20.97 -9.36 10.79
N ASN B 82 20.19 -9.20 11.84
CA ASN B 82 18.81 -9.62 11.81
C ASN B 82 18.15 -8.88 12.94
N SER B 83 17.56 -7.74 12.60
CA SER B 83 16.96 -6.87 13.58
C SER B 83 15.98 -7.58 14.52
N LYS B 84 15.32 -8.62 14.01
CA LYS B 84 14.30 -9.34 14.79
C LYS B 84 14.89 -10.07 15.99
N ASN B 85 16.16 -10.48 15.90
CA ASN B 85 16.86 -11.07 17.05
C ASN B 85 16.99 -10.06 18.17
N VAL B 86 17.10 -8.78 17.80
CA VAL B 86 17.25 -7.72 18.78
C VAL B 86 15.92 -7.08 19.17
N PHE B 87 15.07 -6.84 18.17
CA PHE B 87 13.77 -6.23 18.38
C PHE B 87 12.73 -7.17 17.79
N PRO B 88 12.32 -8.19 18.54
CA PRO B 88 11.32 -9.14 18.04
C PRO B 88 10.17 -8.40 17.36
N GLU B 89 9.80 -8.89 16.17
CA GLU B 89 8.63 -8.40 15.45
C GLU B 89 8.77 -6.95 14.98
N THR B 90 10.00 -6.44 14.95
CA THR B 90 10.25 -5.11 14.37
C THR B 90 9.87 -5.05 12.87
N VAL B 91 9.58 -3.85 12.37
CA VAL B 91 9.40 -3.69 10.92
C VAL B 91 10.72 -3.43 10.23
N MET B 92 11.79 -3.20 10.99
CA MET B 92 13.06 -3.04 10.32
C MET B 92 13.49 -4.33 9.60
N PRO B 93 13.85 -4.22 8.31
CA PRO B 93 14.29 -5.37 7.51
C PRO B 93 15.49 -6.07 8.11
N ALA B 94 15.62 -7.35 7.78
CA ALA B 94 16.76 -8.18 8.19
C ALA B 94 17.78 -8.15 7.07
N TYR B 95 18.87 -7.44 7.28
CA TYR B 95 19.75 -7.19 6.16
C TYR B 95 20.74 -8.29 5.89
N TYR B 96 20.88 -9.23 6.82
CA TYR B 96 21.77 -10.34 6.55
C TYR B 96 21.08 -11.68 6.68
N ARG B 97 19.86 -11.74 6.15
CA ARG B 97 19.09 -12.99 6.11
C ARG B 97 18.80 -13.39 4.68
N VAL B 98 18.80 -14.70 4.40
CA VAL B 98 18.63 -15.21 3.05
C VAL B 98 17.61 -16.34 2.97
N GLU B 99 16.92 -16.59 4.07
CA GLU B 99 15.98 -17.69 4.13
C GLU B 99 14.66 -17.23 4.71
N GLY B 100 13.59 -17.92 4.36
CA GLY B 100 12.35 -17.80 5.10
C GLY B 100 11.41 -16.69 4.65
N PHE B 101 11.74 -16.00 3.56
CA PHE B 101 10.86 -14.93 3.07
C PHE B 101 9.62 -15.50 2.39
N ASN B 102 8.53 -14.75 2.44
CA ASN B 102 7.29 -15.13 1.73
C ASN B 102 7.25 -14.36 0.42
N ARG B 103 7.32 -15.07 -0.71
CA ARG B 103 7.23 -14.47 -2.04
C ARG B 103 8.31 -13.41 -2.33
N PRO B 104 9.59 -13.73 -2.07
CA PRO B 104 10.63 -12.74 -2.35
C PRO B 104 10.77 -12.50 -3.85
N GLY B 105 10.96 -11.23 -4.23
CA GLY B 105 11.13 -10.92 -5.62
C GLY B 105 12.52 -10.38 -5.87
N ILE B 106 12.89 -10.33 -7.15
CA ILE B 106 14.15 -9.77 -7.61
C ILE B 106 13.96 -8.24 -7.57
N ALA B 107 14.58 -7.60 -6.58
CA ALA B 107 14.43 -6.15 -6.37
C ALA B 107 12.95 -5.80 -6.54
N PHE B 108 12.62 -4.84 -7.42
CA PHE B 108 11.24 -4.39 -7.56
C PHE B 108 10.63 -4.80 -8.90
N THR B 109 11.20 -5.84 -9.52
CA THR B 109 10.76 -6.29 -10.84
C THR B 109 9.54 -7.21 -10.85
N SER B 110 9.06 -7.56 -9.65
CA SER B 110 7.90 -8.43 -9.45
C SER B 110 8.18 -9.88 -9.83
N LYS B 111 9.41 -10.19 -10.22
CA LYS B 111 9.75 -11.56 -10.62
C LYS B 111 10.23 -12.38 -9.40
N PRO B 112 9.82 -13.66 -9.32
CA PRO B 112 10.30 -14.41 -8.16
C PRO B 112 11.79 -14.72 -8.22
N ILE B 113 12.43 -14.74 -7.05
CA ILE B 113 13.83 -15.15 -6.95
C ILE B 113 13.87 -16.65 -7.09
N GLU B 114 14.57 -17.10 -8.12
CA GLU B 114 14.77 -18.52 -8.33
C GLU B 114 16.24 -18.83 -8.15
N GLY B 115 16.52 -19.94 -7.48
CA GLY B 115 17.88 -20.22 -7.06
C GLY B 115 18.20 -19.54 -5.74
N GLU B 116 19.47 -19.18 -5.58
CA GLU B 116 19.97 -18.68 -4.31
C GLU B 116 19.48 -17.26 -4.01
N ILE B 117 19.10 -17.01 -2.76
CA ILE B 117 18.78 -15.66 -2.32
C ILE B 117 19.99 -15.01 -1.67
N ARG B 118 20.40 -13.87 -2.20
CA ARG B 118 21.48 -13.07 -1.60
C ARG B 118 20.92 -12.11 -0.56
N PRO B 119 21.68 -11.81 0.51
CA PRO B 119 21.22 -10.89 1.56
C PRO B 119 21.05 -9.46 1.03
N LEU B 120 20.24 -8.66 1.72
CA LEU B 120 20.03 -7.28 1.27
C LEU B 120 21.34 -6.50 1.29
N MET B 121 22.23 -6.78 2.25
CA MET B 121 23.58 -6.19 2.21
C MET B 121 24.62 -7.28 2.46
N THR B 122 25.83 -7.02 1.98
CA THR B 122 26.94 -7.93 2.22
C THR B 122 27.58 -7.70 3.58
N ALA B 123 28.43 -8.64 4.00
CA ALA B 123 29.17 -8.48 5.26
C ALA B 123 29.95 -7.15 5.28
N GLY B 124 30.57 -6.83 4.15
CA GLY B 124 31.37 -5.62 4.08
C GLY B 124 30.50 -4.39 4.09
N GLN B 125 29.35 -4.45 3.41
CA GLN B 125 28.45 -3.32 3.44
C GLN B 125 27.98 -3.12 4.86
N ILE B 126 27.69 -4.21 5.57
CA ILE B 126 27.28 -4.07 6.96
C ILE B 126 28.37 -3.49 7.85
N GLU B 127 29.60 -3.98 7.74
CA GLU B 127 30.67 -3.39 8.56
C GLU B 127 30.95 -1.93 8.21
N ASP B 128 30.80 -1.59 6.93
CA ASP B 128 30.89 -0.18 6.51
C ASP B 128 29.79 0.64 7.21
N VAL B 129 28.54 0.18 7.15
CA VAL B 129 27.49 0.86 7.86
C VAL B 129 27.71 0.91 9.37
N VAL B 130 28.17 -0.20 9.96
CA VAL B 130 28.44 -0.20 11.41
C VAL B 130 29.47 0.85 11.78
N ALA B 131 30.51 0.93 10.96
CA ALA B 131 31.60 1.89 11.15
C ALA B 131 31.08 3.30 11.10
N TYR B 132 30.13 3.55 10.21
CA TYR B 132 29.52 4.87 10.17
C TYR B 132 28.72 5.13 11.43
N LEU B 133 27.87 4.19 11.81
CA LEU B 133 27.02 4.38 12.98
C LEU B 133 27.86 4.65 14.23
N MET B 134 29.04 4.04 14.28
CA MET B 134 29.91 4.18 15.44
C MET B 134 30.48 5.61 15.55
N THR B 135 30.40 6.39 14.47
CA THR B 135 30.80 7.80 14.55
C THR B 135 29.71 8.69 15.15
N LEU B 136 28.53 8.11 15.37
CA LEU B 136 27.40 8.87 15.89
C LEU B 136 27.37 8.91 17.42
N THR B 137 28.30 9.65 18.01
CA THR B 137 28.39 9.86 19.45
C THR B 137 27.91 11.25 19.84
N GLN B 138 27.97 12.16 18.99
C1 EDO C . 3.85 3.89 -1.88
O1 EDO C . 3.88 3.55 -3.27
C2 EDO C . 4.09 5.34 -1.76
O2 EDO C . 3.09 6.18 -2.43
FE HEC D . -24.31 -4.00 -16.92
CHA HEC D . -25.03 -5.54 -14.00
CHB HEC D . -21.80 -2.24 -15.41
CHC HEC D . -23.59 -2.44 -19.92
CHD HEC D . -26.97 -5.56 -18.42
NA HEC D . -23.55 -3.92 -15.07
C1A HEC D . -23.98 -4.62 -13.97
C2A HEC D . -23.25 -4.25 -12.79
C3A HEC D . -22.32 -3.33 -13.19
C4A HEC D . -22.52 -3.13 -14.61
CMA HEC D . -21.28 -2.59 -12.37
CAA HEC D . -23.54 -4.82 -11.38
CBA HEC D . -24.88 -4.09 -10.87
CGA HEC D . -25.45 -4.33 -9.59
O1A HEC D . -24.75 -4.96 -8.73
O2A HEC D . -26.60 -3.95 -9.28
NB HEC D . -22.97 -2.66 -17.53
C1B HEC D . -21.99 -2.03 -16.77
C2B HEC D . -21.22 -1.10 -17.57
C3B HEC D . -21.69 -1.17 -18.84
C4B HEC D . -22.80 -2.13 -18.80
CMB HEC D . -20.10 -0.22 -17.05
CAB HEC D . -21.19 -0.41 -20.04
CBB HEC D . -19.72 -0.81 -20.40
NC HEC D . -25.12 -4.01 -18.75
C1C HEC D . -24.69 -3.29 -19.88
C2C HEC D . -25.56 -3.55 -21.01
C3C HEC D . -26.53 -4.37 -20.57
C4C HEC D . -26.23 -4.70 -19.21
CMC HEC D . -25.41 -2.91 -22.36
CAC HEC D . -27.74 -4.89 -21.33
CBC HEC D . -27.43 -5.57 -22.64
ND HEC D . -25.69 -5.33 -16.32
C1D HEC D . -26.71 -5.88 -17.07
C2D HEC D . -27.49 -6.83 -16.27
C3D HEC D . -26.94 -6.83 -15.05
C4D HEC D . -25.82 -5.86 -15.10
CMD HEC D . -28.66 -7.59 -16.80
CAD HEC D . -27.30 -7.60 -13.78
CBD HEC D . -28.39 -6.84 -12.90
CGD HEC D . -28.77 -7.48 -11.68
O1D HEC D . -28.39 -8.65 -11.39
O2D HEC D . -29.52 -6.89 -10.86
FE HEC E . 0.58 1.05 1.39
CHA HEC E . -0.44 4.15 0.35
CHB HEC E . -2.50 -0.21 0.56
CHC HEC E . 1.58 -2.09 2.33
CHD HEC E . 3.50 2.35 2.53
NA HEC E . -1.11 1.82 0.62
C1A HEC E . -1.36 3.12 0.25
C2A HEC E . -2.71 3.25 -0.25
C3A HEC E . -3.29 2.05 -0.16
C4A HEC E . -2.28 1.14 0.37
CMA HEC E . -4.69 1.65 -0.52
CAA HEC E . -3.33 4.53 -0.75
CBA HEC E . -4.12 5.34 0.29
CGA HEC E . -4.97 6.37 -0.25
O1A HEC E . -5.69 7.06 0.60
O2A HEC E . -5.02 6.63 -1.46
NB HEC E . -0.26 -0.77 1.41
C1B HEC E . -1.54 -1.11 1.03
C2B HEC E . -1.79 -2.52 1.16
C3B HEC E . -0.61 -3.07 1.60
C4B HEC E . 0.30 -1.98 1.80
CMB HEC E . -3.12 -3.22 0.83
CAB HEC E . -0.30 -4.51 1.86
CBB HEC E . -0.32 -5.33 0.54
NC HEC E . 2.18 0.31 2.25
C1C HEC E . 2.44 -1.03 2.58
C2C HEC E . 3.70 -1.16 3.25
C3C HEC E . 4.20 0.08 3.38
C4C HEC E . 3.30 0.99 2.69
CMC HEC E . 4.25 -2.47 3.75
CAC HEC E . 5.45 0.53 4.12
CBC HEC E . 6.77 0.08 3.61
ND HEC E . 1.38 2.86 1.38
C1D HEC E . 2.61 3.23 1.89
C2D HEC E . 2.85 4.65 1.69
C3D HEC E . 1.76 5.12 1.07
C4D HEC E . 0.84 4.02 0.90
CMD HEC E . 4.08 5.39 2.13
CAD HEC E . 1.44 6.53 0.64
CBD HEC E . 1.01 7.45 1.91
CGD HEC E . -0.23 7.01 2.49
O1D HEC E . -1.29 7.58 2.18
O2D HEC E . -0.25 6.05 3.28
C1 EDO F . 10.44 -0.05 3.42
O1 EDO F . 9.76 -0.06 2.15
C2 EDO F . 10.94 1.32 3.67
O2 EDO F . 11.50 1.98 2.49
FE HEC G . 16.43 0.63 11.58
CHA HEC G . 16.12 0.70 14.99
CHB HEC G . 19.83 0.89 11.90
CHC HEC G . 16.74 0.65 8.17
CHD HEC G . 13.04 0.63 11.26
NA HEC G . 17.71 0.75 13.13
C1A HEC G . 17.42 0.77 14.48
C2A HEC G . 18.61 0.90 15.28
C3A HEC G . 19.66 0.95 14.43
C4A HEC G . 19.09 0.85 13.08
CMA HEC G . 21.13 1.08 14.73
CAA HEC G . 18.62 1.00 16.81
CBA HEC G . 18.35 2.48 17.28
CGA HEC G . 17.71 2.74 18.53
O1A HEC G . 16.93 1.82 18.98
O2A HEC G . 17.86 3.80 19.16
NB HEC G . 17.94 0.72 10.32
C1B HEC G . 19.29 0.82 10.60
C2B HEC G . 20.10 0.86 9.40
C3B HEC G . 19.24 0.76 8.34
C4B HEC G . 17.91 0.70 8.92
CMB HEC G . 21.61 0.99 9.41
CAB HEC G . 19.54 0.74 6.87
CBB HEC G . 20.41 -0.49 6.49
NC HEC G . 15.16 0.63 10.04
C1C HEC G . 15.46 0.63 8.70
C2C HEC G . 14.25 0.67 7.89
C3C HEC G . 13.23 0.71 8.76
C4C HEC G . 13.79 0.64 10.08
CMC HEC G . 14.23 0.72 6.37
CAC HEC G . 11.73 0.85 8.48
CBC HEC G . 11.09 -0.14 7.55
ND HEC G . 14.91 0.62 12.87
C1D HEC G . 13.57 0.61 12.57
C2D HEC G . 12.74 0.59 13.77
C3D HEC G . 13.59 0.60 14.82
C4D HEC G . 14.95 0.64 14.25
CMD HEC G . 11.24 0.57 13.74
CAD HEC G . 13.29 0.60 16.31
CBD HEC G . 13.00 -0.89 16.85
CGD HEC G . 11.62 -1.20 16.86
O1D HEC G . 11.18 -2.13 16.11
O2D HEC G . 10.83 -0.56 17.58
#